data_8VOK
#
_entry.id   8VOK
#
_cell.length_a   44.366
_cell.length_b   51.309
_cell.length_c   78.822
_cell.angle_alpha   90.00
_cell.angle_beta   92.14
_cell.angle_gamma   90.00
#
_symmetry.space_group_name_H-M   'P 1 21 1'
#
loop_
_entity.id
_entity.type
_entity.pdbx_description
1 polymer 'Cytochrome P450'
2 non-polymer 'P-HYDROXYBENZOIC ACID'
3 non-polymer 'PROTOPORPHYRIN IX CONTAINING FE'
4 non-polymer 'CHLORIDE ION'
5 water water
#
_entity_poly.entity_id   1
_entity_poly.type   'polypeptide(L)'
_entity_poly.pdbx_seq_one_letter_code
;MISNSSAESISAPPNDSTIPHLAIDPFSLDFFDDPYPDQQTLRDAGPVVYLDKWNVYGVARYAEVHAVLNDPTTFCSSRG
VGLSDFKKEKPWRPPSLILEADPPAHTRPRAVLSKVLSPATMKTIRDGFAAAADAKVDELLQRGCIDAIADLAEAYPLSV
FPDAMGLKQEGREHLLPYAGLVFNAFGPPNELRQTAIERSAPHQAYVNEQCQRPNLAPGGFGACIHAFTDTGEITPDEAP
LLVRSLLSAGLDTTVNGIGAAVYCLARFPGELQRLRSDPTLARNAFEEAVRFESPVQTFFRTTTREVELGGAVIGEGEKV
LMFLGSANRDPRRWSDPDLYDITRKTSGHVGFGSGVHMCVGQLVARLEGEVMLSALARKVAAIDIDGPVKRRFNNTLRGL
ESLPVKLTPA
;
_entity_poly.pdbx_strand_id   A
#
loop_
_chem_comp.id
_chem_comp.type
_chem_comp.name
_chem_comp.formula
CL non-polymer 'CHLORIDE ION' 'Cl -1'
HEM non-polymer 'PROTOPORPHYRIN IX CONTAINING FE' 'C34 H32 Fe N4 O4'
PHB non-polymer 'P-HYDROXYBENZOIC ACID' 'C7 H6 O3'
#
# COMPACT_ATOMS: atom_id res chain seq x y z
N THR A 18 18.95 -9.63 -26.12
CA THR A 18 17.70 -10.35 -25.87
C THR A 18 16.76 -9.55 -24.99
N ILE A 19 17.33 -8.87 -23.99
CA ILE A 19 16.57 -8.06 -23.06
C ILE A 19 16.66 -6.60 -23.52
N PRO A 20 15.54 -5.93 -23.78
CA PRO A 20 15.62 -4.54 -24.23
C PRO A 20 15.99 -3.62 -23.10
N HIS A 21 16.75 -2.58 -23.44
CA HIS A 21 17.21 -1.58 -22.50
C HIS A 21 16.38 -0.31 -22.70
N LEU A 22 15.82 0.21 -21.62
CA LEU A 22 15.06 1.44 -21.69
C LEU A 22 15.61 2.48 -20.72
N ALA A 23 15.44 3.74 -21.10
CA ALA A 23 15.88 4.88 -20.31
C ALA A 23 14.78 5.47 -19.46
N ILE A 24 13.58 4.88 -19.46
CA ILE A 24 12.51 5.36 -18.60
C ILE A 24 12.96 5.34 -17.15
N ASP A 25 12.74 6.45 -16.44
CA ASP A 25 13.01 6.51 -15.01
C ASP A 25 11.68 6.35 -14.26
N PRO A 26 11.37 5.18 -13.72
CA PRO A 26 10.09 4.98 -13.03
C PRO A 26 10.02 5.67 -11.68
N PHE A 27 11.05 6.41 -11.29
CA PHE A 27 11.04 7.20 -10.07
C PHE A 27 11.16 8.69 -10.35
N SER A 28 10.86 9.12 -11.57
CA SER A 28 10.87 10.53 -11.92
C SER A 28 9.49 11.14 -11.74
N LEU A 29 9.46 12.45 -11.47
CA LEU A 29 8.18 13.12 -11.32
C LEU A 29 7.36 13.04 -12.60
N ASP A 30 8.03 13.08 -13.76
CA ASP A 30 7.32 12.91 -15.02
C ASP A 30 6.58 11.58 -15.08
N PHE A 31 7.22 10.51 -14.61
CA PHE A 31 6.57 9.21 -14.55
C PHE A 31 5.41 9.21 -13.56
N PHE A 32 5.66 9.65 -12.31
CA PHE A 32 4.57 9.71 -11.33
C PHE A 32 3.38 10.50 -11.84
N ASP A 33 3.65 11.58 -12.59
CA ASP A 33 2.58 12.45 -13.04
C ASP A 33 1.60 11.72 -13.93
N ASP A 34 2.11 10.82 -14.77
CA ASP A 34 1.26 10.03 -15.66
C ASP A 34 2.02 8.77 -16.04
N PRO A 35 1.89 7.71 -15.26
CA PRO A 35 2.69 6.51 -15.49
C PRO A 35 2.17 5.61 -16.59
N TYR A 36 0.94 5.81 -17.07
CA TYR A 36 0.32 4.74 -17.85
C TYR A 36 0.92 4.57 -19.24
N PRO A 37 1.23 5.63 -19.98
CA PRO A 37 1.93 5.41 -21.27
C PRO A 37 3.26 4.70 -21.08
N ASP A 38 4.09 5.16 -20.13
CA ASP A 38 5.36 4.49 -19.91
C ASP A 38 5.18 3.04 -19.48
N GLN A 39 4.13 2.75 -18.70
CA GLN A 39 3.90 1.35 -18.32
C GLN A 39 3.53 0.50 -19.52
N GLN A 40 2.76 1.04 -20.47
CA GLN A 40 2.51 0.26 -21.69
C GLN A 40 3.80 0.03 -22.45
N THR A 41 4.63 1.07 -22.58
CA THR A 41 5.93 0.90 -23.21
C THR A 41 6.73 -0.21 -22.54
N LEU A 42 6.73 -0.24 -21.20
CA LEU A 42 7.47 -1.28 -20.48
C LEU A 42 6.88 -2.66 -20.73
N ARG A 43 5.55 -2.80 -20.72
CA ARG A 43 4.92 -4.09 -20.97
C ARG A 43 5.22 -4.57 -22.40
N ASP A 44 5.08 -3.68 -23.37
CA ASP A 44 5.17 -4.07 -24.76
C ASP A 44 6.61 -4.25 -25.23
N ALA A 45 7.58 -3.73 -24.48
CA ALA A 45 8.98 -3.94 -24.83
C ALA A 45 9.40 -5.41 -24.67
N GLY A 46 8.76 -6.14 -23.77
CA GLY A 46 9.09 -7.53 -23.53
C GLY A 46 8.71 -7.96 -22.14
N PRO A 47 8.74 -9.26 -21.87
CA PRO A 47 8.44 -9.73 -20.51
C PRO A 47 9.44 -9.26 -19.48
N VAL A 48 10.71 -9.07 -19.85
CA VAL A 48 11.74 -8.58 -18.95
C VAL A 48 12.48 -7.46 -19.65
N VAL A 49 12.61 -6.32 -18.97
CA VAL A 49 13.36 -5.18 -19.52
C VAL A 49 14.53 -4.89 -18.60
N TYR A 50 15.48 -4.10 -19.11
CA TYR A 50 16.56 -3.57 -18.28
C TYR A 50 16.46 -2.06 -18.26
N LEU A 51 16.43 -1.50 -17.06
CA LEU A 51 16.30 -0.05 -16.85
C LEU A 51 17.69 0.54 -16.62
N ASP A 52 18.26 1.11 -17.68
CA ASP A 52 19.63 1.63 -17.63
C ASP A 52 19.79 2.73 -16.59
N LYS A 53 18.71 3.45 -16.28
CA LYS A 53 18.82 4.60 -15.38
C LYS A 53 19.30 4.17 -14.00
N TRP A 54 18.87 2.99 -13.54
CA TRP A 54 19.19 2.52 -12.20
C TRP A 54 19.86 1.15 -12.19
N ASN A 55 20.14 0.57 -13.35
CA ASN A 55 20.81 -0.73 -13.44
C ASN A 55 20.02 -1.81 -12.70
N VAL A 56 18.73 -1.91 -13.02
CA VAL A 56 17.87 -2.96 -12.48
C VAL A 56 17.05 -3.56 -13.61
N TYR A 57 16.64 -4.81 -13.43
CA TYR A 57 15.66 -5.41 -14.32
C TYR A 57 14.27 -4.94 -13.94
N GLY A 58 13.36 -4.95 -14.92
CA GLY A 58 11.97 -4.61 -14.66
C GLY A 58 11.03 -5.61 -15.30
N VAL A 59 9.93 -5.88 -14.60
CA VAL A 59 8.84 -6.67 -15.16
C VAL A 59 7.55 -5.90 -14.95
N ALA A 60 6.81 -5.64 -16.03
CA ALA A 60 5.60 -4.82 -15.97
C ALA A 60 4.33 -5.56 -16.38
N ARG A 61 4.44 -6.78 -16.91
CA ARG A 61 3.26 -7.55 -17.27
C ARG A 61 2.76 -8.34 -16.06
N TYR A 62 1.45 -8.61 -16.05
CA TYR A 62 0.86 -9.37 -14.96
C TYR A 62 1.56 -10.72 -14.80
N ALA A 63 1.81 -11.43 -15.90
CA ALA A 63 2.33 -12.79 -15.79
C ALA A 63 3.66 -12.82 -15.04
N GLU A 64 4.59 -11.94 -15.42
CA GLU A 64 5.91 -11.99 -14.78
C GLU A 64 5.87 -11.42 -13.37
N VAL A 65 5.09 -10.36 -13.13
CA VAL A 65 4.96 -9.84 -11.77
C VAL A 65 4.44 -10.94 -10.84
N HIS A 66 3.38 -11.62 -11.27
CA HIS A 66 2.81 -12.69 -10.46
C HIS A 66 3.81 -13.82 -10.25
N ALA A 67 4.56 -14.19 -11.30
CA ALA A 67 5.55 -15.25 -11.15
C ALA A 67 6.65 -14.85 -10.17
N VAL A 68 7.15 -13.62 -10.26
CA VAL A 68 8.20 -13.20 -9.37
C VAL A 68 7.72 -13.22 -7.92
N LEU A 69 6.53 -12.66 -7.67
CA LEU A 69 6.03 -12.60 -6.30
C LEU A 69 5.88 -14.00 -5.70
N ASN A 70 5.64 -15.00 -6.53
CA ASN A 70 5.32 -16.34 -6.05
C ASN A 70 6.50 -17.29 -6.08
N ASP A 71 7.71 -16.77 -6.30
CA ASP A 71 8.93 -17.55 -6.15
C ASP A 71 9.85 -16.79 -5.21
N PRO A 72 9.59 -16.84 -3.91
CA PRO A 72 10.42 -16.11 -2.94
C PRO A 72 11.81 -16.70 -2.77
N THR A 73 12.03 -17.95 -3.19
CA THR A 73 13.37 -18.53 -3.07
C THR A 73 14.31 -17.91 -4.10
N THR A 74 13.84 -17.76 -5.32
CA THR A 74 14.66 -17.19 -6.38
C THR A 74 14.69 -15.67 -6.29
N PHE A 75 13.56 -15.05 -6.00
CA PHE A 75 13.42 -13.60 -5.94
C PHE A 75 13.19 -13.23 -4.47
N CYS A 76 14.29 -13.03 -3.74
CA CYS A 76 14.18 -12.93 -2.30
C CYS A 76 13.87 -11.49 -1.86
N SER A 77 13.44 -11.36 -0.60
CA SER A 77 13.18 -10.06 0.01
C SER A 77 14.20 -9.68 1.07
N SER A 78 15.03 -10.62 1.53
CA SER A 78 15.95 -10.31 2.63
C SER A 78 17.11 -9.42 2.21
N ARG A 79 17.34 -9.21 0.91
CA ARG A 79 18.31 -8.22 0.48
C ARG A 79 17.65 -6.87 0.19
N GLY A 80 16.43 -6.68 0.68
CA GLY A 80 15.75 -5.41 0.56
C GLY A 80 14.72 -5.45 -0.55
N VAL A 81 13.56 -4.82 -0.32
CA VAL A 81 12.56 -4.67 -1.37
C VAL A 81 12.60 -3.26 -1.97
N GLY A 82 13.60 -2.46 -1.60
CA GLY A 82 13.92 -1.24 -2.30
C GLY A 82 15.07 -1.45 -3.28
N LEU A 83 15.54 -0.33 -3.84
CA LEU A 83 16.65 -0.41 -4.79
C LEU A 83 17.91 -0.90 -4.10
N SER A 84 18.12 -0.47 -2.87
CA SER A 84 19.34 -0.79 -2.14
C SER A 84 19.42 -2.29 -1.88
N ASP A 85 20.61 -2.86 -2.08
CA ASP A 85 20.88 -4.27 -1.86
C ASP A 85 21.55 -4.37 -0.50
N PHE A 86 20.87 -4.97 0.49
CA PHE A 86 21.39 -5.04 1.85
C PHE A 86 22.69 -5.83 1.96
N LYS A 87 23.01 -6.64 0.95
CA LYS A 87 24.32 -7.28 0.95
C LYS A 87 25.43 -6.32 0.54
N LYS A 88 25.08 -5.17 -0.04
CA LYS A 88 26.05 -4.20 -0.50
C LYS A 88 26.06 -2.91 0.29
N GLU A 89 24.90 -2.46 0.79
CA GLU A 89 24.79 -1.19 1.48
C GLU A 89 24.11 -1.41 2.83
N LYS A 90 24.31 -0.48 3.72
CA LYS A 90 23.67 -0.55 5.03
C LYS A 90 22.21 -0.11 4.92
N PRO A 91 21.26 -0.85 5.48
CA PRO A 91 19.87 -0.40 5.49
C PRO A 91 19.74 0.91 6.27
N TRP A 92 18.82 1.76 5.82
CA TRP A 92 18.63 3.04 6.50
C TRP A 92 18.06 2.87 7.91
N ARG A 93 17.43 1.75 8.19
CA ARG A 93 16.91 1.38 9.49
C ARG A 93 17.06 -0.13 9.63
N PRO A 94 17.03 -0.67 10.84
CA PRO A 94 17.11 -2.13 10.99
C PRO A 94 16.08 -2.81 10.11
N PRO A 95 16.45 -3.87 9.41
CA PRO A 95 15.52 -4.48 8.44
C PRO A 95 14.24 -4.97 9.11
N SER A 96 13.14 -4.86 8.38
CA SER A 96 11.87 -5.39 8.86
C SER A 96 11.98 -6.90 9.02
N LEU A 97 11.46 -7.40 10.15
CA LEU A 97 11.48 -8.83 10.40
C LEU A 97 10.44 -9.58 9.57
N ILE A 98 9.58 -8.88 8.86
CA ILE A 98 8.58 -9.56 8.06
C ILE A 98 8.77 -9.21 6.58
N LEU A 99 8.73 -7.92 6.24
CA LEU A 99 8.80 -7.52 4.83
C LEU A 99 10.15 -7.88 4.22
N GLU A 100 11.21 -7.78 5.00
CA GLU A 100 12.58 -7.91 4.53
C GLU A 100 13.21 -9.19 5.06
N ALA A 101 12.38 -10.22 5.21
CA ALA A 101 12.80 -11.55 5.61
C ALA A 101 12.27 -12.55 4.60
N ASP A 102 13.00 -13.64 4.43
CA ASP A 102 12.59 -14.77 3.62
C ASP A 102 12.20 -15.94 4.51
N PRO A 103 11.42 -16.88 3.99
CA PRO A 103 11.25 -18.16 4.69
C PRO A 103 12.59 -18.83 4.85
N PRO A 104 12.87 -19.46 5.99
CA PRO A 104 11.96 -19.71 7.12
C PRO A 104 11.87 -18.60 8.17
N ALA A 105 12.80 -17.63 8.17
CA ALA A 105 12.76 -16.60 9.21
C ALA A 105 11.48 -15.79 9.15
N HIS A 106 10.92 -15.64 7.96
CA HIS A 106 9.70 -14.88 7.76
C HIS A 106 8.49 -15.54 8.41
N THR A 107 8.48 -16.87 8.50
CA THR A 107 7.24 -17.61 8.67
C THR A 107 6.57 -17.34 10.02
N ARG A 108 7.33 -17.36 11.11
CA ARG A 108 6.60 -17.25 12.37
C ARG A 108 6.19 -15.81 12.69
N PRO A 109 7.04 -14.81 12.41
CA PRO A 109 6.55 -13.43 12.52
C PRO A 109 5.33 -13.16 11.65
N ARG A 110 5.30 -13.72 10.44
CA ARG A 110 4.12 -13.62 9.59
C ARG A 110 2.89 -14.23 10.27
N ALA A 111 3.06 -15.39 10.91
CA ALA A 111 1.91 -16.03 11.55
C ALA A 111 1.37 -15.18 12.68
N VAL A 112 2.26 -14.53 13.43
CA VAL A 112 1.83 -13.67 14.52
C VAL A 112 1.02 -12.49 13.98
N LEU A 113 1.55 -11.78 12.97
CA LEU A 113 0.78 -10.65 12.44
C LEU A 113 -0.52 -11.11 11.80
N SER A 114 -0.54 -12.30 11.21
N SER A 114 -0.54 -12.30 11.21
CA SER A 114 -1.79 -12.83 10.66
CA SER A 114 -1.78 -12.83 10.66
C SER A 114 -2.82 -13.04 11.76
C SER A 114 -2.82 -13.03 11.75
N LYS A 115 -2.38 -13.52 12.91
CA LYS A 115 -3.33 -13.73 14.01
C LYS A 115 -3.70 -12.42 14.69
N VAL A 116 -2.79 -11.45 14.74
CA VAL A 116 -3.13 -10.14 15.28
C VAL A 116 -4.16 -9.45 14.40
N LEU A 117 -3.97 -9.49 13.09
CA LEU A 117 -4.86 -8.83 12.13
C LEU A 117 -5.80 -9.83 11.48
N SER A 118 -6.43 -10.64 12.30
CA SER A 118 -7.20 -11.80 11.87
C SER A 118 -8.68 -11.47 11.77
N PRO A 119 -9.47 -12.40 11.25
CA PRO A 119 -10.94 -12.24 11.28
C PRO A 119 -11.50 -11.95 12.66
N ALA A 120 -11.00 -12.61 13.71
CA ALA A 120 -11.53 -12.34 15.04
C ALA A 120 -11.26 -10.89 15.44
N THR A 121 -10.06 -10.39 15.14
CA THR A 121 -9.80 -8.99 15.44
C THR A 121 -10.73 -8.09 14.65
N MET A 122 -11.01 -8.42 13.40
CA MET A 122 -11.89 -7.58 12.60
C MET A 122 -13.27 -7.50 13.22
N LYS A 123 -13.77 -8.63 13.72
CA LYS A 123 -15.07 -8.62 14.39
C LYS A 123 -15.07 -7.70 15.61
N THR A 124 -13.93 -7.59 16.32
CA THR A 124 -13.89 -6.72 17.50
C THR A 124 -13.90 -5.24 17.13
N ILE A 125 -13.38 -4.87 15.96
CA ILE A 125 -13.22 -3.46 15.62
C ILE A 125 -14.23 -2.95 14.59
N ARG A 126 -14.98 -3.84 13.94
CA ARG A 126 -15.81 -3.41 12.81
C ARG A 126 -16.83 -2.34 13.22
N ASP A 127 -17.53 -2.55 14.33
CA ASP A 127 -18.59 -1.60 14.67
C ASP A 127 -18.04 -0.20 14.88
N GLY A 128 -16.88 -0.10 15.55
CA GLY A 128 -16.32 1.22 15.80
C GLY A 128 -15.76 1.85 14.54
N PHE A 129 -15.17 1.04 13.66
CA PHE A 129 -14.69 1.56 12.38
C PHE A 129 -15.85 2.07 11.54
N ALA A 130 -16.99 1.37 11.56
CA ALA A 130 -18.14 1.78 10.76
C ALA A 130 -18.79 3.03 11.34
N ALA A 131 -18.95 3.09 12.66
CA ALA A 131 -19.49 4.30 13.28
C ALA A 131 -18.63 5.51 12.96
N ALA A 132 -17.29 5.35 12.99
CA ALA A 132 -16.40 6.46 12.69
C ALA A 132 -16.52 6.91 11.24
N ALA A 133 -16.70 5.96 10.33
CA ALA A 133 -16.88 6.31 8.92
C ALA A 133 -18.19 7.05 8.69
N ASP A 134 -19.29 6.56 9.29
CA ASP A 134 -20.57 7.26 9.15
C ASP A 134 -20.49 8.66 9.72
N ALA A 135 -19.85 8.82 10.89
CA ALA A 135 -19.77 10.12 11.52
C ALA A 135 -18.94 11.09 10.70
N LYS A 136 -17.84 10.60 10.11
CA LYS A 136 -17.03 11.47 9.27
C LYS A 136 -17.83 11.96 8.06
N VAL A 137 -18.54 11.05 7.40
CA VAL A 137 -19.31 11.46 6.23
C VAL A 137 -20.39 12.46 6.61
N ASP A 138 -21.07 12.23 7.75
CA ASP A 138 -22.06 13.20 8.20
C ASP A 138 -21.41 14.56 8.43
N GLU A 139 -20.23 14.57 9.05
CA GLU A 139 -19.50 15.81 9.30
C GLU A 139 -19.15 16.51 8.00
N LEU A 140 -18.63 15.74 7.03
CA LEU A 140 -18.25 16.32 5.74
C LEU A 140 -19.46 16.87 4.99
N LEU A 141 -20.62 16.22 5.13
CA LEU A 141 -21.81 16.71 4.44
C LEU A 141 -22.28 18.04 5.01
N GLN A 142 -22.01 18.30 6.29
CA GLN A 142 -22.34 19.60 6.86
C GLN A 142 -21.46 20.71 6.29
N ARG A 143 -20.24 20.37 5.87
CA ARG A 143 -19.33 21.34 5.26
C ARG A 143 -19.58 21.50 3.77
N GLY A 144 -20.02 20.44 3.08
CA GLY A 144 -20.33 20.51 1.68
C GLY A 144 -19.11 20.42 0.80
N CYS A 145 -18.31 21.48 0.81
CA CYS A 145 -17.07 21.54 0.03
C CYS A 145 -15.90 21.19 0.92
N ILE A 146 -15.20 20.12 0.58
CA ILE A 146 -14.15 19.57 1.41
C ILE A 146 -12.95 19.23 0.54
N ASP A 147 -11.85 18.89 1.20
CA ASP A 147 -10.70 18.28 0.54
C ASP A 147 -10.74 16.79 0.86
N ALA A 148 -11.06 15.97 -0.15
CA ALA A 148 -11.24 14.54 0.10
C ALA A 148 -9.95 13.86 0.52
N ILE A 149 -8.80 14.52 0.41
CA ILE A 149 -7.59 13.93 0.98
C ILE A 149 -7.49 14.30 2.46
N ALA A 150 -7.14 15.55 2.76
CA ALA A 150 -6.97 15.95 4.16
C ALA A 150 -8.19 15.61 5.01
N ASP A 151 -9.39 15.88 4.50
CA ASP A 151 -10.59 15.83 5.32
C ASP A 151 -11.26 14.46 5.35
N LEU A 152 -10.79 13.51 4.55
CA LEU A 152 -11.48 12.23 4.41
C LEU A 152 -10.46 11.10 4.33
N ALA A 153 -9.69 11.04 3.24
CA ALA A 153 -8.74 9.96 3.05
C ALA A 153 -7.69 9.94 4.17
N GLU A 154 -7.25 11.11 4.63
CA GLU A 154 -6.34 11.19 5.77
C GLU A 154 -7.11 11.16 7.09
N ALA A 155 -8.15 11.99 7.20
CA ALA A 155 -8.81 12.16 8.49
C ALA A 155 -9.44 10.86 9.00
N TYR A 156 -10.05 10.07 8.10
CA TYR A 156 -10.73 8.87 8.60
C TYR A 156 -9.74 7.83 9.10
N PRO A 157 -8.74 7.38 8.34
CA PRO A 157 -7.77 6.45 8.93
C PRO A 157 -7.09 7.01 10.18
N LEU A 158 -6.81 8.31 10.22
CA LEU A 158 -6.22 8.85 11.44
C LEU A 158 -7.18 8.74 12.62
N SER A 159 -8.49 8.74 12.37
CA SER A 159 -9.44 8.67 13.46
C SER A 159 -9.67 7.25 13.97
N VAL A 160 -9.20 6.22 13.27
CA VAL A 160 -9.44 4.85 13.69
C VAL A 160 -8.15 4.04 13.87
N PHE A 161 -7.14 4.24 13.00
CA PHE A 161 -6.02 3.29 13.01
C PHE A 161 -5.07 3.51 14.17
N PRO A 162 -4.67 4.76 14.47
CA PRO A 162 -3.82 4.97 15.66
C PRO A 162 -4.48 4.46 16.93
N ASP A 163 -5.79 4.65 17.06
CA ASP A 163 -6.48 4.14 18.23
C ASP A 163 -6.50 2.61 18.24
N ALA A 164 -6.74 1.99 17.08
CA ALA A 164 -6.73 0.53 17.01
C ALA A 164 -5.34 -0.03 17.32
N MET A 165 -4.28 0.70 16.96
CA MET A 165 -2.93 0.31 17.33
C MET A 165 -2.71 0.36 18.84
N GLY A 166 -3.45 1.23 19.53
CA GLY A 166 -3.19 1.52 20.92
C GLY A 166 -2.20 2.63 21.18
N LEU A 167 -2.02 3.56 20.23
CA LEU A 167 -1.08 4.66 20.39
C LEU A 167 -1.65 5.74 21.31
N LYS A 168 -0.77 6.39 22.05
CA LYS A 168 -1.17 7.58 22.78
C LYS A 168 -1.59 8.66 21.78
N GLN A 169 -2.23 9.71 22.31
CA GLN A 169 -2.66 10.80 21.45
C GLN A 169 -1.49 11.68 21.01
N GLU A 170 -0.57 11.96 21.92
CA GLU A 170 0.53 12.88 21.62
C GLU A 170 1.45 12.29 20.57
N GLY A 171 1.86 13.13 19.61
CA GLY A 171 2.88 12.77 18.65
C GLY A 171 2.39 12.12 17.38
N ARG A 172 1.08 11.92 17.22
CA ARG A 172 0.58 11.22 16.04
C ARG A 172 0.86 11.97 14.75
N GLU A 173 1.17 13.27 14.84
CA GLU A 173 1.56 14.02 13.65
C GLU A 173 2.79 13.42 12.98
N HIS A 174 3.53 12.55 13.68
CA HIS A 174 4.70 11.91 13.10
C HIS A 174 4.36 10.72 12.21
N LEU A 175 3.12 10.23 12.24
CA LEU A 175 2.83 8.94 11.61
C LEU A 175 2.85 9.04 10.09
N LEU A 176 2.14 10.02 9.53
CA LEU A 176 2.16 10.16 8.08
C LEU A 176 3.55 10.51 7.57
N PRO A 177 4.29 11.45 8.17
CA PRO A 177 5.66 11.68 7.71
C PRO A 177 6.53 10.44 7.75
N TYR A 178 6.43 9.64 8.82
CA TYR A 178 7.25 8.44 8.91
C TYR A 178 6.92 7.46 7.79
N ALA A 179 5.62 7.27 7.51
CA ALA A 179 5.25 6.35 6.44
C ALA A 179 5.70 6.86 5.08
N GLY A 180 5.56 8.15 4.83
CA GLY A 180 6.06 8.69 3.57
C GLY A 180 7.55 8.45 3.42
N LEU A 181 8.28 8.60 4.53
CA LEU A 181 9.70 8.30 4.55
C LEU A 181 9.96 6.84 4.17
N VAL A 182 9.26 5.92 4.82
CA VAL A 182 9.47 4.49 4.54
C VAL A 182 9.32 4.21 3.05
N PHE A 183 8.24 4.70 2.46
CA PHE A 183 7.97 4.35 1.07
C PHE A 183 8.88 5.09 0.11
N ASN A 184 9.28 6.31 0.44
CA ASN A 184 10.31 6.98 -0.36
C ASN A 184 11.65 6.24 -0.28
N ALA A 185 11.95 5.64 0.88
CA ALA A 185 13.24 5.00 1.07
C ALA A 185 13.38 3.69 0.30
N PHE A 186 12.28 3.09 -0.15
CA PHE A 186 12.39 1.97 -1.07
C PHE A 186 12.91 2.40 -2.43
N GLY A 187 12.89 3.69 -2.73
CA GLY A 187 13.28 4.16 -4.03
C GLY A 187 14.79 4.28 -4.17
N PRO A 188 15.20 4.79 -5.32
CA PRO A 188 16.62 5.05 -5.55
C PRO A 188 17.06 6.29 -4.79
N PRO A 189 18.36 6.55 -4.74
CA PRO A 189 18.86 7.73 -4.01
C PRO A 189 18.63 9.03 -4.77
N ASN A 190 17.36 9.32 -5.09
CA ASN A 190 17.01 10.59 -5.71
C ASN A 190 16.65 11.61 -4.63
N GLU A 191 16.21 12.80 -5.05
CA GLU A 191 15.97 13.85 -4.08
C GLU A 191 14.79 13.52 -3.16
N LEU A 192 13.76 12.86 -3.69
CA LEU A 192 12.67 12.40 -2.82
C LEU A 192 13.20 11.57 -1.67
N ARG A 193 14.09 10.61 -1.98
CA ARG A 193 14.57 9.72 -0.92
C ARG A 193 15.50 10.46 0.03
N GLN A 194 16.45 11.21 -0.51
CA GLN A 194 17.47 11.76 0.37
C GLN A 194 16.89 12.88 1.24
N THR A 195 15.92 13.63 0.71
CA THR A 195 15.24 14.64 1.53
C THR A 195 14.45 13.99 2.66
N ALA A 196 13.70 12.92 2.36
CA ALA A 196 12.96 12.24 3.42
C ALA A 196 13.90 11.76 4.51
N ILE A 197 15.02 11.16 4.13
CA ILE A 197 15.93 10.61 5.13
C ILE A 197 16.57 11.74 5.95
N GLU A 198 16.85 12.87 5.30
CA GLU A 198 17.46 14.00 6.01
C GLU A 198 16.59 14.47 7.17
N ARG A 199 15.27 14.46 7.00
CA ARG A 199 14.33 14.97 7.99
C ARG A 199 13.80 13.90 8.93
N SER A 200 14.35 12.69 8.87
CA SER A 200 13.69 11.54 9.47
C SER A 200 13.86 11.41 10.97
N ALA A 201 14.91 11.99 11.54
CA ALA A 201 15.27 11.66 12.93
C ALA A 201 14.11 11.80 13.91
N PRO A 202 13.36 12.90 13.95
CA PRO A 202 12.27 12.99 14.92
C PRO A 202 11.18 11.98 14.70
N HIS A 203 10.91 11.60 13.44
CA HIS A 203 9.84 10.64 13.17
C HIS A 203 10.24 9.23 13.60
N GLN A 204 11.49 8.84 13.30
CA GLN A 204 12.00 7.55 13.76
C GLN A 204 11.99 7.48 15.28
N ALA A 205 12.45 8.56 15.94
CA ALA A 205 12.49 8.55 17.39
C ALA A 205 11.10 8.32 17.97
N TYR A 206 10.11 9.05 17.46
CA TYR A 206 8.75 8.87 17.93
C TYR A 206 8.27 7.44 17.68
N VAL A 207 8.42 6.95 16.45
CA VAL A 207 7.88 5.65 16.09
C VAL A 207 8.54 4.54 16.92
N ASN A 208 9.87 4.53 16.97
CA ASN A 208 10.56 3.50 17.73
C ASN A 208 10.12 3.52 19.20
N GLU A 209 9.92 4.69 19.79
CA GLU A 209 9.48 4.73 21.17
C GLU A 209 8.09 4.11 21.35
N GLN A 210 7.15 4.41 20.43
CA GLN A 210 5.80 3.88 20.62
C GLN A 210 5.74 2.37 20.43
N CYS A 211 6.78 1.76 19.88
CA CYS A 211 6.82 0.31 19.68
C CYS A 211 7.12 -0.45 20.96
N GLN A 212 7.54 0.23 22.02
CA GLN A 212 7.84 -0.44 23.27
C GLN A 212 6.55 -0.77 24.01
N ARG A 213 6.53 -1.96 24.62
CA ARG A 213 5.30 -2.48 25.22
C ARG A 213 4.59 -1.51 26.16
N PRO A 214 5.27 -0.79 27.07
CA PRO A 214 4.55 0.10 28.00
C PRO A 214 3.81 1.25 27.33
N ASN A 215 4.10 1.54 26.06
CA ASN A 215 3.50 2.68 25.40
C ASN A 215 2.29 2.29 24.55
N LEU A 216 1.88 1.03 24.58
CA LEU A 216 0.80 0.51 23.72
C LEU A 216 -0.39 0.11 24.59
N ALA A 217 -1.55 0.69 24.29
CA ALA A 217 -2.72 0.53 25.15
C ALA A 217 -3.24 -0.91 25.10
N PRO A 218 -3.72 -1.44 26.22
CA PRO A 218 -4.19 -2.84 26.23
C PRO A 218 -5.27 -3.08 25.18
N GLY A 219 -5.22 -4.28 24.59
CA GLY A 219 -6.19 -4.69 23.60
C GLY A 219 -5.94 -4.17 22.20
N GLY A 220 -5.01 -3.22 22.01
CA GLY A 220 -4.72 -2.72 20.68
C GLY A 220 -3.82 -3.67 19.89
N PHE A 221 -3.60 -3.33 18.62
CA PHE A 221 -2.78 -4.21 17.78
C PHE A 221 -1.37 -4.33 18.35
N GLY A 222 -0.81 -3.22 18.83
CA GLY A 222 0.54 -3.25 19.36
C GLY A 222 0.66 -4.14 20.58
N ALA A 223 -0.26 -4.00 21.53
CA ALA A 223 -0.22 -4.83 22.72
C ALA A 223 -0.45 -6.30 22.36
N CYS A 224 -1.26 -6.57 21.35
CA CYS A 224 -1.48 -7.94 20.92
CA CYS A 224 -1.47 -7.95 20.94
C CYS A 224 -0.21 -8.57 20.38
N ILE A 225 0.58 -7.80 19.62
CA ILE A 225 1.86 -8.32 19.15
C ILE A 225 2.74 -8.69 20.33
N HIS A 226 2.87 -7.77 21.30
CA HIS A 226 3.68 -8.08 22.49
C HIS A 226 3.12 -9.26 23.25
N ALA A 227 1.80 -9.49 23.19
CA ALA A 227 1.21 -10.61 23.92
C ALA A 227 1.48 -11.93 23.24
N PHE A 228 2.00 -11.92 22.01
CA PHE A 228 2.35 -13.14 21.30
C PHE A 228 3.81 -13.52 21.47
N THR A 229 4.54 -12.86 22.37
CA THR A 229 5.98 -13.08 22.51
C THR A 229 6.34 -14.25 23.40
N ASP A 230 5.38 -15.11 23.76
CA ASP A 230 5.68 -16.22 24.65
C ASP A 230 5.22 -17.56 24.09
N THR A 231 4.81 -17.61 22.83
CA THR A 231 4.35 -18.84 22.21
C THR A 231 5.44 -19.63 21.54
N GLY A 232 6.65 -19.06 21.41
CA GLY A 232 7.67 -19.68 20.60
C GLY A 232 7.70 -19.19 19.17
N GLU A 233 6.80 -18.28 18.80
CA GLU A 233 6.79 -17.75 17.44
C GLU A 233 7.72 -16.54 17.29
N ILE A 234 7.62 -15.59 18.21
CA ILE A 234 8.54 -14.46 18.29
C ILE A 234 9.00 -14.29 19.74
N THR A 235 10.16 -13.65 19.91
CA THR A 235 10.62 -13.33 21.25
C THR A 235 10.28 -11.88 21.57
N PRO A 236 10.36 -11.51 22.85
CA PRO A 236 10.04 -10.12 23.22
C PRO A 236 10.83 -9.08 22.44
N ASP A 237 12.11 -9.33 22.15
CA ASP A 237 12.92 -8.36 21.42
C ASP A 237 12.54 -8.23 19.96
N GLU A 238 11.69 -9.11 19.43
CA GLU A 238 11.17 -8.96 18.08
C GLU A 238 9.89 -8.14 18.01
N ALA A 239 9.19 -7.99 19.13
CA ALA A 239 7.87 -7.37 19.07
C ALA A 239 7.94 -5.90 18.68
N PRO A 240 8.88 -5.09 19.20
CA PRO A 240 8.90 -3.68 18.78
C PRO A 240 9.04 -3.52 17.27
N LEU A 241 9.88 -4.31 16.60
CA LEU A 241 10.00 -4.15 15.16
C LEU A 241 8.74 -4.60 14.43
N LEU A 242 7.97 -5.54 14.98
CA LEU A 242 6.71 -5.92 14.32
C LEU A 242 5.64 -4.86 14.52
N VAL A 243 5.61 -4.21 15.68
CA VAL A 243 4.80 -3.01 15.82
C VAL A 243 5.24 -1.97 14.79
N ARG A 244 6.55 -1.80 14.64
CA ARG A 244 7.07 -0.85 13.64
C ARG A 244 6.53 -1.16 12.25
N SER A 245 6.43 -2.45 11.91
CA SER A 245 5.88 -2.81 10.60
C SER A 245 4.48 -2.26 10.39
N LEU A 246 3.62 -2.37 11.42
CA LEU A 246 2.24 -1.90 11.25
C LEU A 246 2.19 -0.39 11.16
N LEU A 247 3.05 0.31 11.92
CA LEU A 247 3.11 1.77 11.83
C LEU A 247 3.78 2.24 10.55
N SER A 248 4.55 1.38 9.89
CA SER A 248 5.13 1.76 8.60
C SER A 248 4.13 1.56 7.48
N ALA A 249 3.43 0.42 7.49
CA ALA A 249 2.70 -0.09 6.33
C ALA A 249 1.21 0.17 6.40
N GLY A 250 0.66 0.51 7.56
CA GLY A 250 -0.77 0.41 7.76
C GLY A 250 -1.58 1.67 7.73
N LEU A 251 -0.96 2.83 7.58
CA LEU A 251 -1.70 4.10 7.56
C LEU A 251 -1.68 4.76 6.18
N ASP A 252 -0.49 5.10 5.68
CA ASP A 252 -0.39 5.83 4.42
C ASP A 252 -0.99 5.05 3.26
N THR A 253 -0.84 3.73 3.27
CA THR A 253 -1.42 2.89 2.23
C THR A 253 -2.93 3.05 2.18
N THR A 254 -3.57 2.98 3.34
CA THR A 254 -5.03 3.12 3.39
C THR A 254 -5.49 4.53 3.03
N VAL A 255 -4.71 5.54 3.42
CA VAL A 255 -5.01 6.90 2.98
C VAL A 255 -5.09 6.96 1.47
N ASN A 256 -4.06 6.45 0.79
CA ASN A 256 -4.04 6.49 -0.66
C ASN A 256 -5.12 5.59 -1.27
N GLY A 257 -5.43 4.46 -0.61
CA GLY A 257 -6.48 3.60 -1.12
C GLY A 257 -7.86 4.24 -1.05
N ILE A 258 -8.17 4.85 0.09
CA ILE A 258 -9.46 5.52 0.23
C ILE A 258 -9.54 6.75 -0.68
N GLY A 259 -8.44 7.51 -0.76
CA GLY A 259 -8.40 8.63 -1.70
C GLY A 259 -8.60 8.18 -3.13
N ALA A 260 -8.00 7.04 -3.49
CA ALA A 260 -8.19 6.49 -4.83
C ALA A 260 -9.65 6.16 -5.07
N ALA A 261 -10.28 5.50 -4.11
CA ALA A 261 -11.70 5.15 -4.29
C ALA A 261 -12.55 6.40 -4.44
N VAL A 262 -12.30 7.43 -3.64
CA VAL A 262 -13.10 8.65 -3.79
C VAL A 262 -12.85 9.29 -5.14
N TYR A 263 -11.57 9.38 -5.54
CA TYR A 263 -11.23 9.90 -6.86
C TYR A 263 -11.94 9.11 -7.96
N CYS A 264 -11.98 7.79 -7.84
CA CYS A 264 -12.66 6.99 -8.85
C CYS A 264 -14.14 7.30 -8.88
N LEU A 265 -14.78 7.41 -7.71
CA LEU A 265 -16.21 7.68 -7.70
C LEU A 265 -16.52 9.08 -8.21
N ALA A 266 -15.59 10.03 -8.02
CA ALA A 266 -15.78 11.37 -8.56
C ALA A 266 -15.62 11.38 -10.08
N ARG A 267 -14.71 10.56 -10.62
CA ARG A 267 -14.46 10.54 -12.06
C ARG A 267 -15.42 9.64 -12.83
N PHE A 268 -16.05 8.67 -12.16
CA PHE A 268 -16.93 7.70 -12.79
C PHE A 268 -18.29 7.78 -12.10
N PRO A 269 -19.05 8.85 -12.33
CA PRO A 269 -20.32 9.02 -11.60
C PRO A 269 -21.29 7.89 -11.81
N GLY A 270 -21.27 7.25 -12.99
CA GLY A 270 -22.10 6.07 -13.19
C GLY A 270 -21.84 5.01 -12.17
N GLU A 271 -20.59 4.86 -11.73
CA GLU A 271 -20.26 3.86 -10.73
C GLU A 271 -20.67 4.30 -9.33
N LEU A 272 -20.61 5.60 -9.01
CA LEU A 272 -21.20 6.05 -7.76
C LEU A 272 -22.69 5.73 -7.72
N GLN A 273 -23.37 5.90 -8.86
CA GLN A 273 -24.80 5.65 -8.87
C GLN A 273 -25.10 4.17 -8.70
N ARG A 274 -24.29 3.30 -9.28
CA ARG A 274 -24.49 1.86 -9.04
C ARG A 274 -24.22 1.54 -7.57
N LEU A 275 -23.16 2.12 -7.00
CA LEU A 275 -22.86 1.87 -5.58
C LEU A 275 -24.00 2.34 -4.68
N ARG A 276 -24.56 3.53 -4.95
CA ARG A 276 -25.69 4.00 -4.16
C ARG A 276 -26.85 3.03 -4.23
N SER A 277 -27.06 2.43 -5.41
CA SER A 277 -28.22 1.55 -5.57
C SER A 277 -28.02 0.22 -4.88
N ASP A 278 -26.78 -0.20 -4.64
CA ASP A 278 -26.51 -1.42 -3.88
C ASP A 278 -25.29 -1.18 -3.01
N PRO A 279 -25.47 -0.64 -1.81
CA PRO A 279 -24.32 -0.42 -0.92
C PRO A 279 -23.55 -1.68 -0.58
N THR A 280 -24.11 -2.88 -0.81
CA THR A 280 -23.30 -4.06 -0.52
C THR A 280 -22.19 -4.26 -1.54
N LEU A 281 -22.13 -3.43 -2.59
CA LEU A 281 -20.99 -3.38 -3.49
C LEU A 281 -19.81 -2.60 -2.93
N ALA A 282 -19.93 -2.10 -1.70
CA ALA A 282 -18.90 -1.21 -1.15
C ALA A 282 -17.53 -1.90 -1.09
N ARG A 283 -17.51 -3.15 -0.63
CA ARG A 283 -16.22 -3.82 -0.47
C ARG A 283 -15.56 -4.07 -1.83
N ASN A 284 -16.34 -4.50 -2.83
CA ASN A 284 -15.75 -4.70 -4.15
C ASN A 284 -15.39 -3.39 -4.81
N ALA A 285 -16.17 -2.34 -4.55
CA ALA A 285 -15.82 -1.03 -5.10
C ALA A 285 -14.46 -0.57 -4.59
N PHE A 286 -14.17 -0.87 -3.31
CA PHE A 286 -12.86 -0.52 -2.77
C PHE A 286 -11.77 -1.40 -3.36
N GLU A 287 -12.01 -2.70 -3.46
CA GLU A 287 -11.02 -3.59 -4.05
C GLU A 287 -10.68 -3.15 -5.47
N GLU A 288 -11.69 -2.77 -6.25
CA GLU A 288 -11.45 -2.32 -7.61
C GLU A 288 -10.64 -1.03 -7.62
N ALA A 289 -10.86 -0.16 -6.62
CA ALA A 289 -10.02 1.04 -6.52
C ALA A 289 -8.58 0.67 -6.25
N VAL A 290 -8.34 -0.36 -5.42
CA VAL A 290 -6.97 -0.80 -5.17
C VAL A 290 -6.33 -1.32 -6.45
N ARG A 291 -7.07 -2.08 -7.26
CA ARG A 291 -6.53 -2.53 -8.54
C ARG A 291 -6.26 -1.35 -9.46
N PHE A 292 -7.24 -0.43 -9.55
CA PHE A 292 -7.23 0.63 -10.55
C PHE A 292 -6.14 1.67 -10.28
N GLU A 293 -5.95 2.04 -9.01
CA GLU A 293 -4.94 3.04 -8.68
C GLU A 293 -3.72 2.48 -7.98
N SER A 294 -3.74 1.22 -7.56
CA SER A 294 -2.65 0.54 -6.87
C SER A 294 -1.82 1.48 -5.99
N PRO A 295 -2.25 1.72 -4.76
CA PRO A 295 -1.50 2.64 -3.88
C PRO A 295 -0.04 2.31 -3.76
N VAL A 296 0.32 1.03 -3.68
CA VAL A 296 1.72 0.62 -3.71
C VAL A 296 2.03 0.26 -5.17
N GLN A 297 2.81 1.10 -5.82
CA GLN A 297 3.01 1.00 -7.26
C GLN A 297 4.09 -0.01 -7.63
N THR A 298 5.17 -0.03 -6.85
CA THR A 298 6.36 -0.79 -7.23
C THR A 298 7.06 -1.25 -5.96
N PHE A 299 7.85 -2.30 -6.13
CA PHE A 299 8.96 -2.59 -5.23
C PHE A 299 9.77 -3.71 -5.86
N PHE A 300 10.85 -4.10 -5.17
CA PHE A 300 11.88 -4.94 -5.74
C PHE A 300 11.94 -6.32 -5.07
N ARG A 301 12.57 -7.24 -5.80
CA ARG A 301 13.18 -8.45 -5.26
C ARG A 301 14.65 -8.47 -5.67
N THR A 302 15.42 -9.40 -5.09
CA THR A 302 16.80 -9.61 -5.52
C THR A 302 16.95 -11.08 -5.89
N THR A 303 17.56 -11.35 -7.04
CA THR A 303 17.74 -12.74 -7.45
C THR A 303 18.81 -13.41 -6.60
N THR A 304 18.55 -14.66 -6.22
CA THR A 304 19.50 -15.46 -5.45
C THR A 304 20.27 -16.43 -6.31
N ARG A 305 19.99 -16.46 -7.61
CA ARG A 305 20.66 -17.32 -8.57
C ARG A 305 20.37 -16.78 -9.96
N GLU A 306 21.12 -17.28 -10.95
CA GLU A 306 20.73 -17.07 -12.33
C GLU A 306 19.39 -17.74 -12.58
N VAL A 307 18.47 -17.02 -13.22
CA VAL A 307 17.10 -17.50 -13.40
C VAL A 307 16.62 -17.09 -14.78
N GLU A 308 15.82 -17.95 -15.35
CA GLU A 308 15.14 -17.69 -16.64
C GLU A 308 13.71 -17.24 -16.34
N LEU A 309 13.36 -16.08 -16.83
CA LEU A 309 12.03 -15.54 -16.59
C LEU A 309 11.47 -15.04 -17.91
N GLY A 310 10.32 -15.57 -18.30
CA GLY A 310 9.71 -15.17 -19.57
C GLY A 310 10.67 -15.20 -20.73
N GLY A 311 11.50 -16.24 -20.82
CA GLY A 311 12.46 -16.38 -21.89
C GLY A 311 13.76 -15.62 -21.71
N ALA A 312 13.86 -14.76 -20.70
CA ALA A 312 15.07 -13.98 -20.47
C ALA A 312 15.83 -14.51 -19.28
N VAL A 313 17.16 -14.39 -19.35
CA VAL A 313 18.05 -14.87 -18.29
C VAL A 313 18.51 -13.68 -17.46
N ILE A 314 18.32 -13.78 -16.14
CA ILE A 314 18.72 -12.74 -15.21
C ILE A 314 19.78 -13.33 -14.29
N GLY A 315 20.88 -12.60 -14.11
CA GLY A 315 21.98 -13.09 -13.29
C GLY A 315 21.66 -13.07 -11.81
N GLU A 316 22.54 -13.71 -11.04
CA GLU A 316 22.43 -13.74 -9.59
C GLU A 316 22.71 -12.37 -8.99
N GLY A 317 22.04 -12.07 -7.88
CA GLY A 317 22.31 -10.85 -7.16
C GLY A 317 21.84 -9.59 -7.84
N GLU A 318 20.82 -9.69 -8.69
CA GLU A 318 20.30 -8.57 -9.47
C GLU A 318 18.99 -8.09 -8.88
N LYS A 319 18.79 -6.78 -8.86
CA LYS A 319 17.51 -6.22 -8.43
C LYS A 319 16.49 -6.32 -9.57
N VAL A 320 15.28 -6.72 -9.22
CA VAL A 320 14.18 -6.84 -10.16
C VAL A 320 13.04 -5.96 -9.66
N LEU A 321 12.67 -4.97 -10.47
CA LEU A 321 11.61 -4.04 -10.12
C LEU A 321 10.29 -4.56 -10.67
N MET A 322 9.30 -4.76 -9.80
CA MET A 322 7.97 -5.16 -10.21
C MET A 322 7.06 -3.95 -10.28
N PHE A 323 6.28 -3.86 -11.37
CA PHE A 323 5.32 -2.78 -11.54
C PHE A 323 3.92 -3.35 -11.23
N LEU A 324 3.52 -3.24 -9.96
N LEU A 324 3.52 -3.24 -9.96
CA LEU A 324 2.22 -3.78 -9.56
CA LEU A 324 2.22 -3.78 -9.56
C LEU A 324 1.08 -3.04 -10.23
C LEU A 324 1.07 -3.05 -10.22
N GLY A 325 1.15 -1.71 -10.30
CA GLY A 325 0.09 -0.96 -10.92
C GLY A 325 -0.06 -1.30 -12.39
N SER A 326 1.08 -1.55 -13.05
CA SER A 326 1.06 -1.96 -14.46
C SER A 326 0.46 -3.35 -14.62
N ALA A 327 0.83 -4.28 -13.73
CA ALA A 327 0.27 -5.63 -13.79
C ALA A 327 -1.25 -5.61 -13.61
N ASN A 328 -1.74 -4.67 -12.79
CA ASN A 328 -3.16 -4.52 -12.55
C ASN A 328 -3.88 -3.82 -13.70
N ARG A 329 -3.14 -3.32 -14.69
CA ARG A 329 -3.74 -2.72 -15.88
C ARG A 329 -3.31 -3.41 -17.17
N ASP A 330 -2.72 -4.59 -17.07
CA ASP A 330 -2.20 -5.31 -18.23
C ASP A 330 -3.36 -5.91 -19.03
N PRO A 331 -3.60 -5.49 -20.28
CA PRO A 331 -4.72 -6.05 -21.04
C PRO A 331 -4.55 -7.52 -21.37
N ARG A 332 -3.35 -8.09 -21.18
CA ARG A 332 -3.17 -9.53 -21.31
C ARG A 332 -3.92 -10.30 -20.22
N ARG A 333 -4.22 -9.62 -19.11
CA ARG A 333 -4.91 -10.23 -17.98
C ARG A 333 -6.30 -9.67 -17.75
N TRP A 334 -6.52 -8.38 -18.00
CA TRP A 334 -7.75 -7.70 -17.64
C TRP A 334 -8.50 -7.22 -18.86
N SER A 335 -9.82 -7.40 -18.85
N SER A 335 -9.82 -7.42 -18.85
CA SER A 335 -10.67 -6.79 -19.86
CA SER A 335 -10.69 -6.79 -19.84
C SER A 335 -10.95 -5.34 -19.49
C SER A 335 -10.89 -5.33 -19.47
N ASP A 336 -10.73 -4.44 -20.44
CA ASP A 336 -10.92 -3.01 -20.24
C ASP A 336 -10.20 -2.57 -18.96
N PRO A 337 -8.88 -2.77 -18.90
CA PRO A 337 -8.15 -2.53 -17.65
C PRO A 337 -8.24 -1.11 -17.15
N ASP A 338 -8.44 -0.16 -18.06
CA ASP A 338 -8.47 1.26 -17.72
C ASP A 338 -9.87 1.74 -17.35
N LEU A 339 -10.81 0.83 -17.15
CA LEU A 339 -12.13 1.19 -16.66
C LEU A 339 -12.26 0.84 -15.19
N TYR A 340 -12.81 1.77 -14.41
CA TYR A 340 -13.20 1.50 -13.02
C TYR A 340 -14.58 0.84 -13.02
N ASP A 341 -14.65 -0.41 -12.57
CA ASP A 341 -15.86 -1.22 -12.67
C ASP A 341 -16.11 -1.89 -11.32
N ILE A 342 -17.11 -1.42 -10.57
CA ILE A 342 -17.26 -1.90 -9.20
C ILE A 342 -17.83 -3.29 -9.11
N THR A 343 -18.27 -3.89 -10.22
CA THR A 343 -18.68 -5.28 -10.22
C THR A 343 -17.69 -6.19 -10.92
N ARG A 344 -16.48 -5.68 -11.23
CA ARG A 344 -15.43 -6.50 -11.79
C ARG A 344 -15.05 -7.63 -10.84
N LYS A 345 -14.77 -8.80 -11.40
CA LYS A 345 -14.11 -9.86 -10.65
C LYS A 345 -12.64 -9.47 -10.50
N THR A 346 -12.27 -8.96 -9.31
CA THR A 346 -10.92 -8.46 -9.08
C THR A 346 -9.96 -9.53 -8.60
N SER A 347 -10.43 -10.74 -8.32
N SER A 347 -10.43 -10.74 -8.33
CA SER A 347 -9.58 -11.78 -7.79
CA SER A 347 -9.57 -11.79 -7.80
C SER A 347 -8.36 -11.99 -8.67
C SER A 347 -8.35 -11.99 -8.68
N GLY A 348 -7.18 -12.00 -8.06
CA GLY A 348 -5.94 -12.11 -8.79
C GLY A 348 -5.17 -10.82 -8.95
N HIS A 349 -5.79 -9.67 -8.70
CA HIS A 349 -5.01 -8.43 -8.76
C HIS A 349 -3.90 -8.48 -7.72
N VAL A 350 -2.83 -7.73 -7.99
CA VAL A 350 -1.64 -7.75 -7.15
C VAL A 350 -1.45 -6.45 -6.38
N GLY A 351 -2.51 -5.67 -6.20
CA GLY A 351 -2.43 -4.45 -5.42
C GLY A 351 -2.06 -4.67 -3.97
N PHE A 352 -2.33 -5.87 -3.44
CA PHE A 352 -1.87 -6.27 -2.11
C PHE A 352 -0.71 -7.26 -2.20
N GLY A 353 -0.07 -7.39 -3.36
CA GLY A 353 0.93 -8.41 -3.52
C GLY A 353 0.32 -9.77 -3.83
N SER A 354 1.12 -10.81 -3.66
CA SER A 354 0.70 -12.18 -3.95
C SER A 354 1.74 -13.12 -3.37
N GLY A 355 1.28 -14.24 -2.82
CA GLY A 355 2.22 -15.19 -2.25
C GLY A 355 2.47 -14.99 -0.76
N VAL A 356 3.68 -15.34 -0.31
CA VAL A 356 3.88 -15.45 1.14
C VAL A 356 3.89 -14.09 1.82
N HIS A 357 4.23 -13.03 1.09
CA HIS A 357 4.24 -11.69 1.66
C HIS A 357 2.96 -10.91 1.38
N MET A 358 1.95 -11.54 0.79
CA MET A 358 0.74 -10.82 0.41
C MET A 358 0.20 -10.08 1.63
N CYS A 359 -0.12 -8.80 1.45
CA CYS A 359 -0.39 -7.87 2.54
C CYS A 359 -1.06 -8.51 3.75
N VAL A 360 -0.33 -8.61 4.87
CA VAL A 360 -0.91 -9.21 6.06
C VAL A 360 -1.96 -8.30 6.70
N GLY A 361 -1.97 -7.01 6.34
CA GLY A 361 -2.99 -6.11 6.85
C GLY A 361 -4.18 -5.93 5.92
N GLN A 362 -4.35 -6.80 4.92
CA GLN A 362 -5.39 -6.55 3.92
C GLN A 362 -6.78 -6.52 4.53
N LEU A 363 -7.02 -7.25 5.62
CA LEU A 363 -8.35 -7.22 6.22
C LEU A 363 -8.64 -5.88 6.89
N VAL A 364 -7.62 -5.23 7.46
CA VAL A 364 -7.81 -3.89 8.01
C VAL A 364 -8.08 -2.90 6.88
N ALA A 365 -7.27 -2.97 5.82
CA ALA A 365 -7.48 -2.09 4.67
C ALA A 365 -8.89 -2.23 4.11
N ARG A 366 -9.30 -3.47 3.83
CA ARG A 366 -10.64 -3.70 3.27
C ARG A 366 -11.73 -3.25 4.21
N LEU A 367 -11.54 -3.48 5.52
CA LEU A 367 -12.55 -3.03 6.46
C LEU A 367 -12.72 -1.51 6.40
N GLU A 368 -11.61 -0.78 6.44
CA GLU A 368 -11.68 0.68 6.37
C GLU A 368 -12.34 1.14 5.08
N GLY A 369 -11.87 0.60 3.94
CA GLY A 369 -12.42 1.02 2.67
C GLY A 369 -13.88 0.65 2.53
N GLU A 370 -14.24 -0.57 2.95
CA GLU A 370 -15.64 -0.97 2.86
C GLU A 370 -16.55 -0.04 3.65
N VAL A 371 -16.21 0.21 4.92
CA VAL A 371 -17.18 0.96 5.72
C VAL A 371 -17.20 2.42 5.31
N MET A 372 -16.09 2.96 4.77
CA MET A 372 -16.17 4.32 4.25
C MET A 372 -17.01 4.38 2.98
N LEU A 373 -16.80 3.45 2.05
CA LEU A 373 -17.59 3.49 0.82
C LEU A 373 -19.05 3.17 1.10
N SER A 374 -19.34 2.39 2.13
CA SER A 374 -20.73 2.14 2.53
C SER A 374 -21.39 3.42 3.01
N ALA A 375 -20.69 4.16 3.88
CA ALA A 375 -21.20 5.44 4.35
C ALA A 375 -21.46 6.39 3.19
N LEU A 376 -20.51 6.49 2.25
CA LEU A 376 -20.75 7.33 1.07
C LEU A 376 -21.95 6.84 0.29
N ALA A 377 -22.05 5.53 0.08
CA ALA A 377 -23.14 4.97 -0.72
C ALA A 377 -24.50 5.32 -0.12
N ARG A 378 -24.59 5.34 1.21
CA ARG A 378 -25.87 5.56 1.87
C ARG A 378 -26.21 7.03 2.07
N LYS A 379 -25.22 7.92 2.06
CA LYS A 379 -25.42 9.31 2.49
C LYS A 379 -25.16 10.36 1.41
N VAL A 380 -24.48 10.03 0.32
CA VAL A 380 -24.01 11.02 -0.64
C VAL A 380 -24.68 10.73 -1.99
N ALA A 381 -25.20 11.78 -2.62
CA ALA A 381 -25.79 11.64 -3.95
C ALA A 381 -24.83 11.96 -5.07
N ALA A 382 -23.88 12.87 -4.86
CA ALA A 382 -22.96 13.24 -5.92
C ALA A 382 -21.64 13.67 -5.30
N ILE A 383 -20.55 13.40 -6.03
CA ILE A 383 -19.20 13.84 -5.67
C ILE A 383 -18.63 14.55 -6.90
N ASP A 384 -18.48 15.86 -6.80
CA ASP A 384 -18.06 16.67 -7.94
C ASP A 384 -16.74 17.36 -7.60
N ILE A 385 -15.73 17.13 -8.42
CA ILE A 385 -14.47 17.86 -8.24
C ILE A 385 -14.74 19.34 -8.46
N ASP A 386 -14.28 20.17 -7.52
CA ASP A 386 -14.58 21.59 -7.64
C ASP A 386 -13.38 22.45 -7.29
N GLY A 387 -12.19 21.97 -7.64
CA GLY A 387 -10.96 22.68 -7.35
C GLY A 387 -9.78 21.97 -8.00
N PRO A 388 -8.62 22.59 -7.99
CA PRO A 388 -7.43 21.97 -8.58
C PRO A 388 -7.05 20.68 -7.87
N VAL A 389 -6.89 19.61 -8.64
CA VAL A 389 -6.45 18.33 -8.10
C VAL A 389 -4.92 18.31 -8.11
N LYS A 390 -4.32 17.94 -6.97
CA LYS A 390 -2.88 17.95 -6.82
C LYS A 390 -2.39 16.55 -6.49
N ARG A 391 -1.35 16.11 -7.19
CA ARG A 391 -0.79 14.79 -6.96
C ARG A 391 0.27 14.85 -5.87
N ARG A 392 0.38 13.75 -5.13
CA ARG A 392 1.41 13.60 -4.11
C ARG A 392 2.48 12.66 -4.65
N PHE A 393 3.74 13.11 -4.64
CA PHE A 393 4.81 12.34 -5.26
C PHE A 393 5.59 11.57 -4.20
N ASN A 394 5.77 10.28 -4.46
CA ASN A 394 6.47 9.35 -3.56
C ASN A 394 7.09 8.28 -4.44
N ASN A 395 8.26 7.79 -4.04
CA ASN A 395 8.98 6.84 -4.88
C ASN A 395 8.22 5.55 -5.10
N THR A 396 7.37 5.13 -4.16
CA THR A 396 6.64 3.90 -4.39
C THR A 396 5.14 3.96 -4.15
N LEU A 397 4.61 5.03 -3.55
CA LEU A 397 3.17 5.17 -3.36
C LEU A 397 2.58 6.09 -4.43
N ARG A 398 1.38 5.76 -4.90
CA ARG A 398 0.61 6.63 -5.77
C ARG A 398 -0.59 7.16 -5.01
N GLY A 399 -0.81 8.46 -5.08
CA GLY A 399 -1.94 9.04 -4.39
C GLY A 399 -1.97 10.53 -4.60
N LEU A 400 -3.03 11.14 -4.11
CA LEU A 400 -3.24 12.57 -4.30
C LEU A 400 -2.86 13.35 -3.06
N GLU A 401 -2.42 14.58 -3.30
CA GLU A 401 -2.14 15.55 -2.25
C GLU A 401 -3.41 16.31 -1.86
N SER A 402 -4.24 16.64 -2.85
CA SER A 402 -5.43 17.44 -2.61
C SER A 402 -6.50 17.06 -3.62
N LEU A 403 -7.73 16.87 -3.14
CA LEU A 403 -8.86 16.48 -3.99
C LEU A 403 -10.08 17.27 -3.57
N PRO A 404 -10.21 18.51 -4.04
CA PRO A 404 -11.35 19.34 -3.65
C PRO A 404 -12.62 18.81 -4.29
N VAL A 405 -13.60 18.48 -3.47
CA VAL A 405 -14.88 17.98 -3.96
C VAL A 405 -16.02 18.70 -3.25
N LYS A 406 -17.13 18.77 -3.94
CA LYS A 406 -18.41 19.13 -3.34
C LYS A 406 -19.21 17.84 -3.16
N LEU A 407 -19.69 17.61 -1.94
CA LEU A 407 -20.53 16.46 -1.62
C LEU A 407 -21.98 16.92 -1.57
N THR A 408 -22.83 16.32 -2.41
CA THR A 408 -24.26 16.57 -2.35
C THR A 408 -24.93 15.50 -1.51
N PRO A 409 -25.69 15.86 -0.48
CA PRO A 409 -26.33 14.83 0.35
C PRO A 409 -27.43 14.10 -0.41
N ALA A 410 -27.60 12.83 -0.07
CA ALA A 410 -28.66 12.02 -0.64
C ALA A 410 -30.00 12.44 -0.06
C1' PHB B . 7.41 -3.16 7.23
O1' PHB B . 7.50 -4.36 7.64
O2' PHB B . 8.00 -2.25 7.82
C1 PHB B . 6.59 -2.82 6.00
C2 PHB B . 6.68 -1.54 5.43
C3 PHB B . 5.94 -1.22 4.31
C4 PHB B . 5.10 -2.18 3.76
C5 PHB B . 5.01 -3.45 4.31
C6 PHB B . 5.76 -3.76 5.43
O4 PHB B . 4.32 -1.91 2.61
CHA HEM C . 2.60 -6.10 2.66
CHB HEM C . -0.12 -3.15 -0.09
CHC HEM C . -2.60 -1.92 3.91
CHD HEM C . 0.73 -4.08 6.67
C1A HEM C . 2.03 -5.48 1.57
C2A HEM C . 2.38 -5.72 0.18
C3A HEM C . 1.62 -4.91 -0.57
C4A HEM C . 0.80 -4.11 0.29
CMA HEM C . 1.63 -4.80 -2.11
CAA HEM C . 3.39 -6.76 -0.34
CBA HEM C . 4.83 -6.29 -0.17
CGA HEM C . 5.80 -7.28 -0.75
O1A HEM C . 7.04 -7.01 -0.65
O2A HEM C . 5.38 -8.33 -1.29
C1B HEM C . -1.04 -2.58 0.76
C2B HEM C . -2.14 -1.73 0.37
C3B HEM C . -2.82 -1.39 1.48
C4B HEM C . -2.17 -2.03 2.61
CMB HEM C . -2.44 -1.28 -1.07
CAB HEM C . -4.07 -0.49 1.63
CBB HEM C . -4.87 -0.21 0.59
C1C HEM C . -1.95 -2.42 5.00
C2C HEM C . -2.40 -2.33 6.37
C3C HEM C . -1.46 -2.91 7.14
C4C HEM C . -0.42 -3.41 6.29
CMC HEM C . -3.70 -1.64 6.83
CAC HEM C . -1.43 -3.11 8.67
CBC HEM C . -2.45 -2.82 9.47
C1D HEM C . 1.53 -4.82 5.83
C2D HEM C . 2.66 -5.65 6.20
C3D HEM C . 3.17 -6.21 5.10
C4D HEM C . 2.38 -5.76 3.97
CMD HEM C . 3.19 -5.85 7.63
CAD HEM C . 4.38 -7.18 5.05
CBD HEM C . 3.81 -8.59 4.91
CGD HEM C . 4.86 -9.64 4.70
O1D HEM C . 4.58 -10.85 4.88
O2D HEM C . 6.01 -9.27 4.32
NA HEM C . 1.07 -4.48 1.61
NB HEM C . -1.10 -2.74 2.14
NC HEM C . -0.75 -3.10 4.99
ND HEM C . 1.42 -4.90 4.45
FE HEM C . 0.09 -3.90 3.29
CL CL D . 12.42 3.64 12.39
#